data_2W96
#
_entry.id   2W96
#
_cell.length_a   55.906
_cell.length_b   64.685
_cell.length_c   168.686
_cell.angle_alpha   90.00
_cell.angle_beta   90.00
_cell.angle_gamma   90.00
#
_symmetry.space_group_name_H-M   'P 21 21 21'
#
loop_
_entity.id
_entity.type
_entity.pdbx_description
1 polymer 'G1/S-SPECIFIC CYCLIN-D1'
2 polymer 'CELL DIVISION PROTEIN KINASE 4'
3 non-polymer GLYCEROL
4 water water
#
loop_
_entity_poly.entity_id
_entity_poly.type
_entity_poly.pdbx_seq_one_letter_code
_entity_poly.pdbx_strand_id
1 'polypeptide(L)'
;MEHQLLCCEVETIRRAYPDANLLNDRVLRAMLKAEETCAPSVSYFKCVQKEVLPSMRKIVATWMLEVCEEQKCEEEVFPL
AMNYLDRFLSLEPVKKSRLQLLGATCMFVASKMKETIPLTAEKLCIYTDNSIRPEELLQMELLLVNKLKWNLAAMTPHDF
IEHFLSKMPEAEENKQIIRKHAQTFVALCATDVKFISNPPSMVAAGSVVAAVQGLNLRSPNNFLSYYRLTRFLSRVIKCD
PDCLRACQEQIEALLESSLRQAQQNMDPKAA
;
A
2 'polypeptide(L)'
;MATSRYEPVAEIGVGAYGTVYKARDPHSGHFVALKSVRVPNGEEGLPISTVREVALLRRLEAFEHPNVVRLMDVCATSRT
DREIKVTLVFEHVDQDLRTYLDKAPPPGLPAETIKDLMRQFLRGLDFLHANCIVHRDLKPENILVTSGGTVKLADFGLAR
IYSYQMALDPVVVTLWYRAPEVLLQSTYATPVDMWSVGCIFAEMFRRKPLFCGNSEADQLGKIFDLIGLPPEDDWPRDVS
LPRGAFPPRGPRPVQSVVPEMEESGAQLLLEMLTFNPHKRISAFRALQHSYLHKDEGNPEHHHHHH
;
B
#
loop_
_chem_comp.id
_chem_comp.type
_chem_comp.name
_chem_comp.formula
GOL non-polymer GLYCEROL 'C3 H8 O3'
#
# COMPACT_ATOMS: atom_id res chain seq x y z
N LEU A 6 5.01 -8.26 4.42
CA LEU A 6 4.23 -8.69 3.27
C LEU A 6 4.16 -10.20 3.30
N CYS A 7 3.10 -10.71 3.90
CA CYS A 7 3.09 -12.09 4.38
C CYS A 7 2.49 -13.16 3.46
N CYS A 8 3.32 -13.66 2.53
CA CYS A 8 3.11 -14.93 1.83
C CYS A 8 2.39 -15.96 2.68
N GLU A 9 1.88 -17.01 2.03
CA GLU A 9 1.37 -18.16 2.75
C GLU A 9 2.37 -19.31 2.83
N VAL A 10 3.42 -19.24 2.03
CA VAL A 10 4.42 -20.30 2.03
C VAL A 10 5.83 -19.87 2.47
N GLU A 11 6.75 -19.98 1.52
CA GLU A 11 8.16 -20.20 1.82
C GLU A 11 8.74 -20.76 0.52
N THR A 12 7.87 -20.79 -0.48
CA THR A 12 8.25 -20.80 -1.89
C THR A 12 7.54 -19.59 -2.47
N ILE A 13 6.47 -19.17 -1.76
CA ILE A 13 5.66 -17.99 -2.04
C ILE A 13 4.33 -18.29 -2.71
N ASP A 25 14.42 -11.15 -0.98
CA ASP A 25 14.84 -10.92 -2.35
C ASP A 25 13.69 -10.57 -3.29
N ARG A 26 12.60 -11.32 -3.18
CA ARG A 26 11.40 -10.97 -3.94
C ARG A 26 10.76 -9.76 -3.27
N VAL A 27 10.95 -9.69 -1.95
CA VAL A 27 10.46 -8.57 -1.14
C VAL A 27 11.26 -7.30 -1.42
N LEU A 28 12.56 -7.39 -1.21
CA LEU A 28 13.46 -6.27 -1.46
C LEU A 28 13.28 -5.67 -2.85
N ARG A 29 13.11 -6.53 -3.85
CA ARG A 29 12.89 -6.05 -5.20
C ARG A 29 11.66 -5.17 -5.26
N ALA A 30 10.68 -5.48 -4.41
CA ALA A 30 9.44 -4.72 -4.37
C ALA A 30 9.66 -3.36 -3.71
N MET A 31 10.43 -3.37 -2.62
CA MET A 31 10.78 -2.16 -1.89
C MET A 31 11.47 -1.17 -2.83
N LEU A 32 12.37 -1.69 -3.66
CA LEU A 32 13.09 -0.88 -4.63
C LEU A 32 12.17 -0.26 -5.66
N LYS A 33 11.11 -0.96 -6.02
CA LYS A 33 10.15 -0.47 -7.01
C LYS A 33 9.32 0.66 -6.44
N ALA A 34 8.75 0.41 -5.27
CA ALA A 34 7.98 1.40 -4.52
C ALA A 34 8.74 2.72 -4.37
N GLU A 35 9.98 2.65 -3.87
CA GLU A 35 10.77 3.85 -3.60
C GLU A 35 10.99 4.71 -4.84
N GLU A 36 11.16 4.08 -5.99
CA GLU A 36 11.28 4.82 -7.24
C GLU A 36 10.08 5.74 -7.52
N THR A 37 8.89 5.32 -7.10
CA THR A 37 7.66 6.08 -7.34
C THR A 37 7.49 7.27 -6.41
N CYS A 38 8.31 7.34 -5.36
CA CYS A 38 8.24 8.42 -4.39
C CYS A 38 9.49 9.29 -4.34
N ALA A 39 10.20 9.39 -5.46
CA ALA A 39 11.42 10.20 -5.50
C ALA A 39 11.10 11.67 -5.72
N PRO A 40 11.66 12.56 -4.89
CA PRO A 40 11.60 13.99 -5.17
C PRO A 40 12.48 14.35 -6.38
N SER A 41 12.51 15.63 -6.72
CA SER A 41 13.36 16.13 -7.79
C SER A 41 14.64 16.71 -7.19
N VAL A 42 15.79 16.40 -7.80
CA VAL A 42 17.07 16.87 -7.28
C VAL A 42 17.27 18.37 -7.55
N SER A 43 16.51 18.90 -8.51
CA SER A 43 16.67 20.27 -8.94
C SER A 43 15.51 21.16 -8.56
N TYR A 44 14.80 20.84 -7.48
CA TYR A 44 13.62 21.60 -7.16
C TYR A 44 13.84 23.00 -6.57
N PHE A 45 14.99 23.21 -5.92
CA PHE A 45 15.31 24.52 -5.37
C PHE A 45 15.54 25.54 -6.51
N LYS A 46 16.01 25.02 -7.64
CA LYS A 46 16.25 25.84 -8.82
C LYS A 46 14.97 25.97 -9.67
N CYS A 47 14.39 24.85 -10.04
CA CYS A 47 13.30 24.83 -11.02
C CYS A 47 11.92 25.09 -10.45
N VAL A 48 11.75 24.91 -9.14
CA VAL A 48 10.42 25.01 -8.55
C VAL A 48 10.29 26.05 -7.43
N GLN A 49 11.24 26.09 -6.52
CA GLN A 49 11.17 27.03 -5.40
C GLN A 49 11.79 28.38 -5.76
N LYS A 50 11.16 29.45 -5.31
CA LYS A 50 11.68 30.80 -5.52
C LYS A 50 12.20 31.44 -4.23
N GLU A 51 11.69 30.97 -3.09
CA GLU A 51 12.06 31.55 -1.80
C GLU A 51 12.77 30.52 -0.92
N VAL A 52 12.21 29.32 -0.90
CA VAL A 52 12.74 28.26 -0.02
C VAL A 52 14.15 27.85 -0.41
N LEU A 53 15.06 27.91 0.54
CA LEU A 53 16.45 27.56 0.29
C LEU A 53 16.86 26.40 1.17
N PRO A 54 17.91 25.68 0.77
CA PRO A 54 18.39 24.50 1.51
C PRO A 54 18.58 24.72 3.01
N SER A 55 19.09 25.90 3.39
CA SER A 55 19.29 26.22 4.82
C SER A 55 17.97 26.40 5.57
N MET A 56 16.91 26.76 4.87
CA MET A 56 15.58 26.79 5.48
C MET A 56 15.02 25.37 5.64
N ARG A 57 15.17 24.55 4.58
CA ARG A 57 14.87 23.13 4.68
C ARG A 57 15.59 22.52 5.88
N LYS A 58 16.87 22.83 6.03
CA LYS A 58 17.65 22.36 7.18
C LYS A 58 16.97 22.76 8.47
N ILE A 59 16.50 24.00 8.52
CA ILE A 59 15.89 24.53 9.74
C ILE A 59 14.61 23.79 10.10
N VAL A 60 13.72 23.68 9.12
CA VAL A 60 12.48 22.94 9.31
C VAL A 60 12.70 21.49 9.63
N ALA A 61 13.69 20.89 8.95
CA ALA A 61 14.04 19.49 9.19
C ALA A 61 14.57 19.22 10.60
N THR A 62 15.46 20.09 11.11
CA THR A 62 15.94 19.97 12.49
C THR A 62 14.82 20.27 13.50
N TRP A 63 13.93 21.18 13.14
CA TRP A 63 12.72 21.34 13.94
C TRP A 63 11.97 20.01 14.01
N MET A 64 11.70 19.42 12.83
CA MET A 64 10.90 18.20 12.73
C MET A 64 11.49 17.02 13.50
N LEU A 65 12.81 16.93 13.50
CA LEU A 65 13.52 15.87 14.18
C LEU A 65 13.43 16.01 15.72
N GLU A 66 13.54 17.24 16.21
CA GLU A 66 13.40 17.50 17.65
C GLU A 66 12.00 17.16 18.17
N VAL A 67 10.98 17.48 17.38
CA VAL A 67 9.62 17.06 17.65
C VAL A 67 9.47 15.54 17.75
N CYS A 68 9.94 14.82 16.75
CA CYS A 68 9.93 13.35 16.79
C CYS A 68 10.69 12.79 17.98
N GLU A 69 11.85 13.36 18.25
CA GLU A 69 12.65 12.99 19.43
C GLU A 69 11.92 13.30 20.73
N GLU A 70 11.40 14.52 20.84
CA GLU A 70 10.66 14.92 22.02
C GLU A 70 9.44 14.04 22.24
N GLN A 71 8.75 13.70 21.15
CA GLN A 71 7.52 12.90 21.25
C GLN A 71 7.79 11.41 21.24
N LYS A 72 9.06 11.04 21.10
CA LYS A 72 9.42 9.63 20.97
C LYS A 72 8.56 8.96 19.90
N CYS A 73 8.56 9.55 18.70
CA CYS A 73 7.85 8.99 17.56
C CYS A 73 8.49 7.69 17.08
N GLU A 74 7.70 6.86 16.39
CA GLU A 74 8.28 5.75 15.64
C GLU A 74 9.41 6.30 14.76
N GLU A 75 10.53 5.60 14.76
CA GLU A 75 11.72 6.04 14.02
C GLU A 75 11.45 6.49 12.58
N GLU A 76 10.47 5.87 11.91
CA GLU A 76 10.21 6.12 10.49
C GLU A 76 9.58 7.47 10.23
N VAL A 77 8.97 8.06 11.26
CA VAL A 77 8.17 9.26 11.10
C VAL A 77 8.95 10.43 10.49
N PHE A 78 10.17 10.63 10.95
CA PHE A 78 10.98 11.76 10.50
C PHE A 78 11.44 11.62 9.04
N PRO A 79 12.04 10.48 8.68
CA PRO A 79 12.40 10.27 7.27
C PRO A 79 11.20 10.26 6.32
N LEU A 80 10.08 9.68 6.75
CA LEU A 80 8.87 9.67 5.94
C LEU A 80 8.33 11.09 5.73
N ALA A 81 8.31 11.87 6.80
CA ALA A 81 7.85 13.25 6.70
C ALA A 81 8.73 14.13 5.79
N MET A 82 10.04 13.88 5.79
CA MET A 82 10.95 14.58 4.86
C MET A 82 10.76 14.19 3.39
N ASN A 83 10.48 12.92 3.15
CA ASN A 83 10.14 12.43 1.81
C ASN A 83 8.92 13.22 1.32
N TYR A 84 7.94 13.36 2.20
CA TYR A 84 6.75 14.14 1.91
C TYR A 84 7.14 15.58 1.56
N LEU A 85 8.01 16.16 2.39
CA LEU A 85 8.39 17.56 2.25
C LEU A 85 9.13 17.82 0.96
N ASP A 86 10.14 17.00 0.67
CA ASP A 86 10.89 17.12 -0.56
C ASP A 86 10.00 16.85 -1.78
N ARG A 87 9.08 15.90 -1.64
CA ARG A 87 8.15 15.59 -2.73
C ARG A 87 7.22 16.72 -3.07
N PHE A 88 6.64 17.35 -2.05
CA PHE A 88 5.74 18.48 -2.25
C PHE A 88 6.50 19.64 -2.89
N LEU A 89 7.70 19.87 -2.36
CA LEU A 89 8.54 20.98 -2.77
C LEU A 89 8.99 20.77 -4.22
N SER A 90 8.88 19.54 -4.70
CA SER A 90 9.15 19.21 -6.10
C SER A 90 7.99 19.58 -7.02
N LEU A 91 6.82 19.88 -6.45
CA LEU A 91 5.59 20.04 -7.23
C LEU A 91 4.93 21.40 -7.10
N GLU A 92 5.21 22.10 -6.00
CA GLU A 92 4.57 23.36 -5.68
C GLU A 92 5.60 24.34 -5.14
N PRO A 93 5.55 25.61 -5.57
CA PRO A 93 6.36 26.61 -4.88
C PRO A 93 5.70 26.96 -3.56
N VAL A 94 6.51 27.06 -2.50
CA VAL A 94 6.02 27.39 -1.18
C VAL A 94 6.73 28.64 -0.68
N LYS A 95 5.99 29.51 0.01
CA LYS A 95 6.58 30.71 0.60
C LYS A 95 7.34 30.30 1.84
N LYS A 96 8.48 30.92 2.11
CA LYS A 96 9.26 30.55 3.27
C LYS A 96 8.51 30.68 4.58
N SER A 97 7.46 31.51 4.60
CA SER A 97 6.63 31.66 5.78
C SER A 97 5.71 30.45 5.99
N ARG A 98 5.42 29.74 4.90
CA ARG A 98 4.59 28.54 4.98
C ARG A 98 5.38 27.23 5.18
N LEU A 99 6.70 27.30 5.09
CA LEU A 99 7.55 26.11 5.19
C LEU A 99 7.33 25.32 6.48
N GLN A 100 7.27 26.03 7.62
CA GLN A 100 7.07 25.36 8.88
C GLN A 100 5.70 24.69 8.90
N LEU A 101 4.71 25.35 8.29
CA LEU A 101 3.39 24.77 8.17
C LEU A 101 3.44 23.49 7.37
N LEU A 102 4.24 23.50 6.31
CA LEU A 102 4.42 22.32 5.47
C LEU A 102 5.11 21.17 6.23
N GLY A 103 6.18 21.50 6.94
CA GLY A 103 6.91 20.51 7.71
C GLY A 103 6.06 19.84 8.76
N ALA A 104 5.18 20.62 9.40
CA ALA A 104 4.30 20.09 10.42
C ALA A 104 3.23 19.20 9.85
N THR A 105 2.75 19.55 8.65
CA THR A 105 1.74 18.76 7.97
C THR A 105 2.35 17.45 7.47
N CYS A 106 3.61 17.50 7.08
CA CYS A 106 4.32 16.29 6.68
C CYS A 106 4.48 15.33 7.84
N MET A 107 4.73 15.88 9.03
CA MET A 107 4.90 15.07 10.23
C MET A 107 3.56 14.47 10.63
N PHE A 108 2.52 15.27 10.47
CA PHE A 108 1.15 14.88 10.80
C PHE A 108 0.69 13.69 9.97
N VAL A 109 0.87 13.78 8.65
CA VAL A 109 0.58 12.67 7.75
C VAL A 109 1.50 11.45 7.97
N ALA A 110 2.80 11.71 8.15
CA ALA A 110 3.75 10.63 8.43
C ALA A 110 3.43 9.89 9.73
N SER A 111 2.99 10.64 10.74
CA SER A 111 2.60 10.01 11.99
C SER A 111 1.33 9.16 11.85
N LYS A 112 0.36 9.66 11.10
CA LYS A 112 -0.85 8.89 10.88
C LYS A 112 -0.54 7.57 10.23
N MET A 113 0.43 7.58 9.32
CA MET A 113 0.84 6.40 8.56
C MET A 113 1.61 5.38 9.39
N LYS A 114 2.42 5.85 10.33
CA LYS A 114 3.38 4.98 10.99
C LYS A 114 3.17 4.74 12.49
N GLU A 115 2.25 5.48 13.12
CA GLU A 115 2.11 5.37 14.57
C GLU A 115 0.79 4.77 15.04
N THR A 116 0.85 4.01 16.13
CA THR A 116 -0.38 3.49 16.73
C THR A 116 -1.18 4.64 17.32
N ILE A 117 -0.47 5.57 17.97
CA ILE A 117 -1.08 6.81 18.46
C ILE A 117 -0.43 8.01 17.77
N PRO A 118 -1.01 8.48 16.65
CA PRO A 118 -0.39 9.57 15.88
C PRO A 118 -0.37 10.90 16.64
N LEU A 119 0.50 11.81 16.21
CA LEU A 119 0.52 13.18 16.74
C LEU A 119 -0.79 13.88 16.42
N THR A 120 -1.25 14.73 17.33
CA THR A 120 -2.49 15.46 17.11
C THR A 120 -2.16 16.79 16.43
N ALA A 121 -3.10 17.32 15.65
CA ALA A 121 -2.91 18.61 15.01
C ALA A 121 -2.52 19.68 16.04
N GLU A 122 -3.11 19.58 17.22
CA GLU A 122 -2.90 20.54 18.30
C GLU A 122 -1.50 20.43 18.88
N LYS A 123 -1.06 19.21 19.15
CA LYS A 123 0.26 19.00 19.73
CA LYS A 123 0.26 18.99 19.72
C LYS A 123 1.35 19.54 18.81
N LEU A 124 1.16 19.37 17.51
CA LEU A 124 2.11 19.86 16.53
C LEU A 124 2.17 21.40 16.51
N CYS A 125 1.02 22.03 16.68
CA CYS A 125 0.94 23.48 16.74
C CYS A 125 1.62 24.03 17.99
N ILE A 126 1.49 23.30 19.09
CA ILE A 126 2.19 23.62 20.32
C ILE A 126 3.70 23.69 20.10
N TYR A 127 4.23 22.78 19.29
CA TYR A 127 5.65 22.79 18.95
C TYR A 127 6.06 23.94 18.05
N THR A 128 5.08 24.57 17.41
CA THR A 128 5.31 25.79 16.64
C THR A 128 5.11 27.02 17.53
N ASP A 129 4.96 26.79 18.84
CA ASP A 129 4.62 27.87 19.77
C ASP A 129 3.27 28.46 19.41
N ASN A 130 2.47 27.67 18.73
CA ASN A 130 1.15 28.07 18.27
C ASN A 130 1.24 29.18 17.25
N SER A 131 2.36 29.21 16.53
CA SER A 131 2.51 30.06 15.36
C SER A 131 1.58 29.61 14.24
N ILE A 132 1.36 28.31 14.13
CA ILE A 132 0.36 27.79 13.21
C ILE A 132 -0.82 27.22 13.99
N ARG A 133 -1.93 26.99 13.30
CA ARG A 133 -3.17 26.60 13.95
C ARG A 133 -3.76 25.35 13.32
N PRO A 134 -4.54 24.59 14.09
CA PRO A 134 -5.00 23.29 13.59
C PRO A 134 -5.70 23.35 12.23
N GLU A 135 -6.59 24.33 12.05
CA GLU A 135 -7.35 24.41 10.80
C GLU A 135 -6.41 24.67 9.63
N GLU A 136 -5.32 25.38 9.90
CA GLU A 136 -4.28 25.58 8.89
C GLU A 136 -3.65 24.25 8.53
N LEU A 137 -3.33 23.46 9.55
CA LEU A 137 -2.74 22.15 9.38
C LEU A 137 -3.70 21.23 8.61
N LEU A 138 -4.97 21.24 9.00
CA LEU A 138 -5.96 20.38 8.37
C LEU A 138 -6.16 20.70 6.90
N GLN A 139 -6.05 21.98 6.57
CA GLN A 139 -6.15 22.41 5.18
C GLN A 139 -4.91 22.05 4.36
N MET A 140 -3.73 22.24 4.93
CA MET A 140 -2.49 21.77 4.28
C MET A 140 -2.50 20.26 4.04
N GLU A 141 -3.01 19.49 5.01
CA GLU A 141 -3.00 18.03 4.87
C GLU A 141 -3.66 17.57 3.58
N LEU A 142 -4.79 18.17 3.25
CA LEU A 142 -5.50 17.83 2.04
C LEU A 142 -4.72 18.21 0.78
N LEU A 143 -4.15 19.42 0.80
CA LEU A 143 -3.23 19.86 -0.25
C LEU A 143 -2.08 18.88 -0.47
N LEU A 144 -1.45 18.47 0.63
CA LEU A 144 -0.28 17.60 0.56
C LEU A 144 -0.61 16.20 0.04
N VAL A 145 -1.57 15.54 0.68
CA VAL A 145 -2.00 14.21 0.24
C VAL A 145 -2.46 14.20 -1.22
N ASN A 146 -3.30 15.16 -1.58
CA ASN A 146 -3.77 15.27 -2.96
C ASN A 146 -2.62 15.44 -3.93
N LYS A 147 -1.65 16.27 -3.57
CA LYS A 147 -0.50 16.54 -4.43
C LYS A 147 0.43 15.33 -4.60
N LEU A 148 0.55 14.53 -3.55
CA LEU A 148 1.35 13.31 -3.64
C LEU A 148 0.49 12.19 -4.17
N LYS A 149 -0.76 12.53 -4.48
CA LYS A 149 -1.72 11.59 -5.04
C LYS A 149 -2.01 10.44 -4.08
N TRP A 150 -1.94 10.73 -2.78
CA TRP A 150 -2.20 9.75 -1.72
C TRP A 150 -1.22 8.57 -1.73
N ASN A 151 -0.14 8.69 -2.48
CA ASN A 151 0.92 7.69 -2.44
C ASN A 151 1.83 7.94 -1.23
N LEU A 152 1.30 7.68 -0.04
CA LEU A 152 1.94 8.05 1.21
C LEU A 152 2.75 6.90 1.82
N ALA A 153 2.54 5.70 1.28
CA ALA A 153 3.19 4.50 1.82
C ALA A 153 4.59 4.36 1.24
N ALA A 154 5.39 5.40 1.41
CA ALA A 154 6.73 5.42 0.89
C ALA A 154 7.66 4.59 1.77
N MET A 155 8.74 4.08 1.17
CA MET A 155 9.81 3.41 1.89
C MET A 155 10.63 4.42 2.68
N THR A 156 11.19 3.97 3.81
CA THR A 156 12.14 4.80 4.54
C THR A 156 13.48 4.07 4.62
N PRO A 157 14.54 4.80 5.01
CA PRO A 157 15.81 4.07 5.14
C PRO A 157 15.70 2.93 6.16
N HIS A 158 14.80 3.09 7.11
CA HIS A 158 14.60 2.12 8.19
C HIS A 158 14.05 0.81 7.66
N ASP A 159 13.22 0.89 6.63
CA ASP A 159 12.71 -0.31 5.98
C ASP A 159 13.84 -1.19 5.47
N PHE A 160 14.82 -0.57 4.80
CA PHE A 160 15.94 -1.27 4.20
C PHE A 160 16.95 -1.72 5.23
N ILE A 161 17.26 -0.85 6.20
CA ILE A 161 18.15 -1.19 7.31
C ILE A 161 17.77 -2.54 7.91
N GLU A 162 16.55 -2.65 8.41
CA GLU A 162 16.04 -3.88 8.98
C GLU A 162 16.08 -5.05 8.00
N HIS A 163 15.85 -4.76 6.73
CA HIS A 163 15.95 -5.81 5.73
C HIS A 163 17.40 -6.31 5.59
N PHE A 164 18.33 -5.38 5.34
CA PHE A 164 19.73 -5.72 5.28
C PHE A 164 20.13 -6.51 6.51
N LEU A 165 19.82 -5.95 7.68
CA LEU A 165 20.13 -6.61 8.95
C LEU A 165 19.69 -8.07 9.04
N SER A 166 18.56 -8.41 8.42
CA SER A 166 18.04 -9.77 8.46
C SER A 166 18.86 -10.72 7.60
N LYS A 167 19.71 -10.16 6.75
CA LYS A 167 20.58 -10.94 5.87
C LYS A 167 21.98 -11.11 6.46
N MET A 168 22.22 -10.46 7.59
CA MET A 168 23.58 -10.35 8.11
C MET A 168 23.81 -11.27 9.31
N PRO A 169 24.86 -12.11 9.23
CA PRO A 169 25.20 -13.07 10.29
C PRO A 169 25.69 -12.37 11.56
N GLU A 170 25.02 -11.27 11.91
CA GLU A 170 25.31 -10.57 13.15
C GLU A 170 24.43 -11.08 14.28
N ALA A 171 25.02 -11.30 15.45
CA ALA A 171 24.25 -11.57 16.65
C ALA A 171 23.31 -10.40 16.91
N GLU A 172 22.14 -10.69 17.48
CA GLU A 172 21.17 -9.64 17.80
C GLU A 172 21.71 -8.49 18.65
N GLU A 173 22.69 -8.75 19.49
CA GLU A 173 23.31 -7.66 20.26
C GLU A 173 24.11 -6.74 19.33
N ASN A 174 24.77 -7.34 18.35
CA ASN A 174 25.45 -6.57 17.31
C ASN A 174 24.44 -5.77 16.50
N LYS A 175 23.40 -6.45 16.04
CA LYS A 175 22.39 -5.85 15.18
C LYS A 175 21.78 -4.62 15.84
N GLN A 176 21.53 -4.72 17.15
CA GLN A 176 20.89 -3.63 17.86
C GLN A 176 21.79 -2.41 17.94
N ILE A 177 23.09 -2.66 18.12
CA ILE A 177 24.06 -1.56 18.15
C ILE A 177 24.17 -0.94 16.76
N ILE A 178 24.25 -1.78 15.74
CA ILE A 178 24.29 -1.33 14.35
C ILE A 178 23.05 -0.49 14.08
N ARG A 179 21.91 -0.98 14.55
CA ARG A 179 20.63 -0.34 14.29
C ARG A 179 20.64 1.06 14.88
N LYS A 180 21.19 1.19 16.08
CA LYS A 180 21.19 2.46 16.80
C LYS A 180 22.04 3.50 16.07
N HIS A 181 23.28 3.12 15.75
CA HIS A 181 24.17 3.98 14.97
C HIS A 181 23.61 4.34 13.58
N ALA A 182 23.03 3.36 12.89
CA ALA A 182 22.53 3.57 11.53
C ALA A 182 21.33 4.51 11.49
N GLN A 183 20.49 4.44 12.52
CA GLN A 183 19.33 5.32 12.62
C GLN A 183 19.73 6.78 12.88
N THR A 184 20.84 6.96 13.57
CA THR A 184 21.46 8.26 13.79
C THR A 184 21.93 8.87 12.47
N PHE A 185 22.65 8.07 11.67
CA PHE A 185 23.11 8.50 10.36
C PHE A 185 21.97 8.89 9.43
N VAL A 186 20.90 8.10 9.44
CA VAL A 186 19.71 8.42 8.65
C VAL A 186 19.11 9.80 8.99
N ALA A 187 18.96 10.07 10.29
CA ALA A 187 18.38 11.34 10.72
C ALA A 187 19.28 12.51 10.30
N LEU A 188 20.59 12.29 10.37
CA LEU A 188 21.55 13.25 9.84
C LEU A 188 21.35 13.53 8.34
N CYS A 189 21.25 12.48 7.55
CA CYS A 189 21.01 12.61 6.11
C CYS A 189 19.71 13.36 5.80
N ALA A 190 18.66 13.03 6.55
CA ALA A 190 17.33 13.62 6.32
C ALA A 190 17.32 15.13 6.51
N THR A 191 18.20 15.65 7.38
CA THR A 191 18.32 17.10 7.52
C THR A 191 19.11 17.73 6.38
N ASP A 192 19.82 16.90 5.62
CA ASP A 192 20.72 17.37 4.56
C ASP A 192 20.13 17.18 3.15
N VAL A 193 20.64 17.95 2.18
CA VAL A 193 20.16 17.89 0.80
C VAL A 193 20.37 16.52 0.16
N LYS A 194 21.32 15.78 0.72
CA LYS A 194 21.62 14.42 0.24
C LYS A 194 20.36 13.53 0.27
N PHE A 195 19.52 13.72 1.28
CA PHE A 195 18.28 12.94 1.36
C PHE A 195 17.46 13.13 0.09
N ILE A 196 17.73 14.21 -0.65
CA ILE A 196 16.96 14.53 -1.85
C ILE A 196 17.49 13.78 -3.06
N SER A 197 18.81 13.67 -3.13
CA SER A 197 19.51 13.04 -4.25
C SER A 197 19.46 11.52 -4.20
N ASN A 198 19.49 10.98 -2.99
CA ASN A 198 19.64 9.55 -2.82
C ASN A 198 18.37 8.93 -2.28
N PRO A 199 17.89 7.86 -2.93
CA PRO A 199 16.77 7.05 -2.49
C PRO A 199 17.05 6.48 -1.09
N PRO A 200 15.99 6.12 -0.37
CA PRO A 200 16.04 5.52 0.96
C PRO A 200 16.97 4.30 1.05
N SER A 201 17.04 3.51 -0.03
CA SER A 201 17.92 2.33 -0.07
C SER A 201 19.39 2.72 0.04
N MET A 202 19.79 3.65 -0.81
CA MET A 202 21.12 4.23 -0.76
C MET A 202 21.42 4.79 0.62
N VAL A 203 20.52 5.63 1.11
CA VAL A 203 20.69 6.24 2.42
C VAL A 203 20.87 5.21 3.53
N ALA A 204 20.00 4.20 3.54
CA ALA A 204 20.10 3.10 4.51
C ALA A 204 21.40 2.33 4.38
N ALA A 205 21.91 2.22 3.15
CA ALA A 205 23.11 1.42 2.90
C ALA A 205 24.37 2.16 3.37
N GLY A 206 24.46 3.43 3.03
CA GLY A 206 25.56 4.26 3.48
C GLY A 206 25.66 4.29 4.99
N SER A 207 24.51 4.42 5.64
CA SER A 207 24.42 4.46 7.10
C SER A 207 24.76 3.12 7.76
N VAL A 208 24.29 2.03 7.15
CA VAL A 208 24.68 0.69 7.60
C VAL A 208 26.18 0.52 7.44
N VAL A 209 26.69 0.88 6.25
CA VAL A 209 28.12 0.78 5.98
C VAL A 209 28.90 1.60 7.00
N ALA A 210 28.58 2.89 7.10
CA ALA A 210 29.27 3.77 8.03
C ALA A 210 29.22 3.21 9.46
N ALA A 211 28.07 2.67 9.82
CA ALA A 211 27.88 2.04 11.13
C ALA A 211 28.72 0.78 11.34
N VAL A 212 28.55 -0.22 10.47
CA VAL A 212 29.27 -1.48 10.67
C VAL A 212 30.79 -1.31 10.66
N GLN A 213 31.27 -0.42 9.79
CA GLN A 213 32.69 -0.13 9.70
C GLN A 213 33.25 0.50 10.96
N GLY A 214 32.66 1.61 11.39
CA GLY A 214 33.07 2.29 12.60
C GLY A 214 33.07 1.35 13.79
N LEU A 215 32.00 0.56 13.90
CA LEU A 215 31.91 -0.44 14.94
C LEU A 215 33.06 -1.45 14.85
N ASN A 216 33.18 -2.12 13.71
CA ASN A 216 34.22 -3.11 13.51
C ASN A 216 35.61 -2.56 13.83
N LEU A 217 35.84 -1.30 13.46
CA LEU A 217 37.14 -0.68 13.67
C LEU A 217 37.53 -0.76 15.15
N ARG A 218 36.54 -0.57 16.02
CA ARG A 218 36.76 -0.64 17.47
C ARG A 218 36.54 -2.07 18.01
N SER A 219 36.14 -2.99 17.14
CA SER A 219 35.98 -4.40 17.51
C SER A 219 36.20 -5.30 16.29
N PRO A 220 37.47 -5.63 16.00
CA PRO A 220 37.99 -6.26 14.78
C PRO A 220 37.48 -7.67 14.47
N ASN A 221 37.20 -8.45 15.50
CA ASN A 221 36.72 -9.81 15.31
C ASN A 221 35.21 -9.84 15.38
N ASN A 222 34.64 -8.64 15.48
CA ASN A 222 33.20 -8.46 15.58
C ASN A 222 32.70 -7.61 14.40
N PHE A 223 31.40 -7.69 14.12
CA PHE A 223 30.80 -6.90 13.05
C PHE A 223 31.54 -7.21 11.77
N LEU A 224 31.66 -8.49 11.44
CA LEU A 224 32.51 -8.94 10.35
C LEU A 224 31.92 -8.66 8.98
N SER A 225 30.63 -8.32 8.96
CA SER A 225 29.92 -7.98 7.73
C SER A 225 30.42 -6.67 7.13
N TYR A 226 31.30 -5.99 7.85
CA TYR A 226 31.90 -4.75 7.35
C TYR A 226 32.69 -4.97 6.06
N TYR A 227 33.26 -6.17 5.94
CA TYR A 227 34.19 -6.49 4.85
C TYR A 227 33.50 -6.48 3.48
N ARG A 228 33.94 -5.58 2.60
CA ARG A 228 33.32 -5.39 1.29
C ARG A 228 31.82 -5.13 1.35
N LEU A 229 31.34 -4.51 2.43
CA LEU A 229 29.91 -4.28 2.60
C LEU A 229 29.33 -3.40 1.48
N THR A 230 30.13 -2.46 0.99
CA THR A 230 29.70 -1.53 -0.05
C THR A 230 29.30 -2.23 -1.35
N ARG A 231 30.21 -3.06 -1.87
CA ARG A 231 29.92 -3.88 -3.04
C ARG A 231 28.72 -4.79 -2.77
N PHE A 232 28.75 -5.48 -1.63
CA PHE A 232 27.65 -6.36 -1.24
C PHE A 232 26.28 -5.65 -1.31
N LEU A 233 26.13 -4.58 -0.55
CA LEU A 233 24.88 -3.83 -0.55
C LEU A 233 24.61 -3.22 -1.92
N SER A 234 25.66 -2.77 -2.59
CA SER A 234 25.56 -2.33 -3.98
C SER A 234 24.83 -3.36 -4.84
N ARG A 235 25.21 -4.62 -4.67
CA ARG A 235 24.59 -5.74 -5.38
C ARG A 235 23.15 -5.98 -4.93
N VAL A 236 22.94 -5.99 -3.62
CA VAL A 236 21.61 -6.04 -3.05
C VAL A 236 20.75 -4.86 -3.55
N ILE A 237 21.31 -3.65 -3.42
CA ILE A 237 20.65 -2.42 -3.86
C ILE A 237 20.45 -2.36 -5.37
N LYS A 238 21.46 -2.84 -6.10
CA LYS A 238 21.55 -2.63 -7.55
C LYS A 238 21.90 -1.18 -7.88
N CYS A 239 22.73 -0.57 -7.04
CA CYS A 239 23.23 0.78 -7.30
C CYS A 239 24.67 0.70 -7.79
N ASP A 240 25.28 1.87 -7.98
CA ASP A 240 26.71 1.95 -8.28
C ASP A 240 27.52 1.96 -6.99
N PRO A 241 28.47 1.03 -6.84
CA PRO A 241 29.24 0.86 -5.60
C PRO A 241 30.09 2.07 -5.22
N ASP A 242 30.39 2.92 -6.19
CA ASP A 242 31.12 4.16 -5.94
C ASP A 242 30.17 5.28 -5.52
N CYS A 243 28.91 5.15 -5.93
CA CYS A 243 27.86 6.04 -5.46
C CYS A 243 27.58 5.81 -3.98
N LEU A 244 27.53 4.53 -3.61
CA LEU A 244 27.39 4.15 -2.21
C LEU A 244 28.58 4.64 -1.41
N ARG A 245 29.78 4.45 -1.96
CA ARG A 245 30.99 4.93 -1.33
C ARG A 245 30.93 6.42 -1.05
N ALA A 246 30.62 7.21 -2.07
CA ALA A 246 30.46 8.65 -1.91
C ALA A 246 29.44 8.95 -0.82
N CYS A 247 28.27 8.32 -0.95
CA CYS A 247 27.22 8.42 0.04
C CYS A 247 27.73 8.23 1.48
N GLN A 248 28.41 7.11 1.73
CA GLN A 248 28.91 6.82 3.06
C GLN A 248 29.82 7.93 3.57
N GLU A 249 30.72 8.38 2.70
CA GLU A 249 31.69 9.40 3.08
C GLU A 249 31.02 10.73 3.30
N GLN A 250 29.97 11.00 2.55
CA GLN A 250 29.10 12.15 2.82
C GLN A 250 28.44 12.04 4.20
N ILE A 251 28.05 10.83 4.58
CA ILE A 251 27.52 10.56 5.92
C ILE A 251 28.57 10.77 7.02
N GLU A 252 29.77 10.25 6.80
CA GLU A 252 30.84 10.42 7.77
C GLU A 252 31.24 11.88 7.92
N ALA A 253 31.19 12.61 6.81
CA ALA A 253 31.45 14.05 6.85
C ALA A 253 30.40 14.75 7.68
N LEU A 254 29.15 14.32 7.48
CA LEU A 254 27.99 14.96 8.09
C LEU A 254 28.00 14.76 9.60
N LEU A 255 28.54 13.63 10.04
CA LEU A 255 28.64 13.33 11.46
C LEU A 255 29.77 14.13 12.11
N GLU A 256 30.83 14.35 11.33
CA GLU A 256 31.99 15.10 11.80
C GLU A 256 31.71 16.59 11.90
N SER A 257 30.54 16.99 11.41
CA SER A 257 30.04 18.35 11.60
C SER A 257 28.94 18.34 12.65
N SER A 258 28.81 17.21 13.33
CA SER A 258 27.87 17.07 14.43
C SER A 258 28.50 17.55 15.73
N LEU A 259 29.80 17.82 15.67
CA LEU A 259 30.51 18.42 16.79
C LEU A 259 30.59 19.94 16.61
N ARG A 260 29.92 20.43 15.58
CA ARG A 260 29.71 21.86 15.40
C ARG A 260 28.26 22.22 15.72
N GLN A 261 27.36 21.26 15.50
CA GLN A 261 25.97 21.40 15.94
C GLN A 261 25.91 21.18 17.45
N ALA A 262 26.99 20.61 17.99
CA ALA A 262 27.13 20.43 19.42
C ALA A 262 27.74 21.69 20.04
N GLN A 263 28.55 22.38 19.26
CA GLN A 263 29.17 23.62 19.72
C GLN A 263 28.87 24.79 18.78
N GLN A 264 27.68 24.76 18.20
CA GLN A 264 27.10 25.93 17.54
C GLN A 264 26.58 26.87 18.64
N ASN A 265 26.43 26.30 19.84
CA ASN A 265 26.33 27.08 21.07
C ASN A 265 27.43 26.67 22.05
N SER B 4 -4.05 16.27 -13.76
CA SER B 4 -5.14 15.44 -14.27
C SER B 4 -6.49 15.84 -13.68
N ARG B 5 -7.27 16.59 -14.44
CA ARG B 5 -8.70 16.73 -14.15
C ARG B 5 -9.38 15.77 -15.10
N TYR B 6 -10.23 14.90 -14.58
CA TYR B 6 -10.83 13.86 -15.40
C TYR B 6 -12.25 14.23 -15.82
N GLU B 7 -12.62 13.85 -17.04
CA GLU B 7 -13.95 14.15 -17.56
C GLU B 7 -14.68 12.91 -18.06
N PRO B 8 -15.86 12.65 -17.48
CA PRO B 8 -16.76 11.52 -17.75
C PRO B 8 -17.02 11.28 -19.24
N VAL B 9 -17.54 10.10 -19.53
CA VAL B 9 -17.57 9.56 -20.90
C VAL B 9 -18.53 8.38 -20.89
N ALA B 10 -19.10 8.12 -19.72
CA ALA B 10 -20.07 7.05 -19.53
C ALA B 10 -20.37 6.87 -18.05
N GLU B 11 -21.33 6.01 -17.74
CA GLU B 11 -21.67 5.71 -16.35
C GLU B 11 -21.66 4.19 -16.16
N ILE B 12 -20.47 3.61 -16.28
CA ILE B 12 -20.30 2.17 -16.45
C ILE B 12 -21.14 1.30 -15.53
N GLY B 13 -21.51 1.83 -14.37
CA GLY B 13 -22.31 1.08 -13.43
C GLY B 13 -22.59 1.87 -12.17
N VAL B 14 -23.58 1.39 -11.40
CA VAL B 14 -23.94 2.04 -10.14
C VAL B 14 -24.12 0.99 -9.05
N GLY B 15 -23.17 0.05 -8.98
CA GLY B 15 -23.21 -1.02 -8.02
C GLY B 15 -22.91 -0.63 -6.58
N ALA B 16 -22.22 -1.52 -5.87
CA ALA B 16 -22.04 -1.42 -4.42
C ALA B 16 -21.36 -0.15 -3.92
N TYR B 17 -20.44 0.40 -4.71
CA TYR B 17 -19.65 1.53 -4.27
C TYR B 17 -20.03 2.84 -4.96
N GLY B 18 -21.33 2.98 -5.24
CA GLY B 18 -21.87 4.17 -5.87
C GLY B 18 -21.76 4.10 -7.38
N THR B 19 -21.88 5.25 -8.03
CA THR B 19 -21.75 5.35 -9.48
C THR B 19 -20.29 5.39 -9.94
N VAL B 20 -19.90 4.42 -10.77
CA VAL B 20 -18.58 4.45 -11.39
C VAL B 20 -18.64 5.02 -12.80
N TYR B 21 -17.98 6.17 -13.00
CA TYR B 21 -17.93 6.80 -14.31
C TYR B 21 -16.65 6.45 -15.03
N LYS B 22 -16.75 6.27 -16.35
CA LYS B 22 -15.58 6.18 -17.20
C LYS B 22 -15.16 7.58 -17.61
N ALA B 23 -13.87 7.88 -17.46
CA ALA B 23 -13.36 9.22 -17.73
C ALA B 23 -12.08 9.15 -18.53
N ARG B 24 -11.68 10.27 -19.12
CA ARG B 24 -10.45 10.31 -19.89
C ARG B 24 -9.35 11.12 -19.22
N ASP B 25 -8.15 10.54 -19.16
CA ASP B 25 -6.97 11.25 -18.67
C ASP B 25 -6.49 12.21 -19.75
N PRO B 26 -6.55 13.51 -19.46
CA PRO B 26 -6.41 14.60 -20.44
C PRO B 26 -4.98 14.86 -20.91
N HIS B 27 -4.01 14.14 -20.36
CA HIS B 27 -2.66 14.21 -20.89
C HIS B 27 -2.12 12.83 -21.28
N SER B 28 -2.73 11.79 -20.72
CA SER B 28 -2.36 10.42 -21.06
C SER B 28 -3.23 9.89 -22.19
N GLY B 29 -4.40 10.50 -22.36
CA GLY B 29 -5.34 10.11 -23.40
C GLY B 29 -6.04 8.80 -23.09
N HIS B 30 -5.54 8.09 -22.08
CA HIS B 30 -6.14 6.83 -21.68
C HIS B 30 -7.43 6.99 -20.90
N PHE B 31 -8.28 5.97 -20.95
CA PHE B 31 -9.49 5.93 -20.15
C PHE B 31 -9.21 5.50 -18.71
N VAL B 32 -10.15 5.82 -17.83
CA VAL B 32 -10.01 5.53 -16.40
C VAL B 32 -11.40 5.26 -15.82
N ALA B 33 -11.45 4.47 -14.75
CA ALA B 33 -12.70 4.23 -14.05
C ALA B 33 -12.74 4.93 -12.69
N LEU B 34 -13.60 5.95 -12.59
CA LEU B 34 -13.71 6.77 -11.38
C LEU B 34 -14.79 6.24 -10.43
N LYS B 35 -14.49 6.24 -9.14
CA LYS B 35 -15.50 6.01 -8.12
C LYS B 35 -15.31 7.02 -6.99
N SER B 36 -16.39 7.36 -6.32
CA SER B 36 -16.32 8.25 -5.18
C SER B 36 -16.71 7.59 -3.87
N VAL B 37 -16.33 8.23 -2.77
CA VAL B 37 -16.61 7.74 -1.44
C VAL B 37 -16.67 8.93 -0.48
N ARG B 38 -17.67 8.94 0.39
CA ARG B 38 -17.78 9.99 1.40
C ARG B 38 -17.09 9.55 2.68
N VAL B 39 -16.27 10.43 3.24
CA VAL B 39 -15.54 10.13 4.46
C VAL B 39 -15.79 11.22 5.49
N PRO B 40 -15.76 10.87 6.79
CA PRO B 40 -16.01 11.85 7.85
C PRO B 40 -14.78 12.73 8.11
N ASN B 41 -14.98 14.05 8.07
CA ASN B 41 -13.92 15.01 8.34
C ASN B 41 -13.75 15.27 9.83
N GLY B 42 -12.96 14.44 10.50
CA GLY B 42 -12.77 14.56 11.93
C GLY B 42 -12.00 15.77 12.42
N GLU B 43 -11.63 15.71 13.70
CA GLU B 43 -10.89 16.78 14.40
C GLU B 43 -9.41 16.66 14.04
N GLU B 44 -9.03 15.49 13.55
CA GLU B 44 -7.67 15.23 13.12
C GLU B 44 -7.58 15.15 11.59
N GLY B 45 -8.50 15.83 10.92
CA GLY B 45 -8.52 15.91 9.48
C GLY B 45 -8.98 14.61 8.86
N LEU B 46 -8.15 14.05 7.98
CA LEU B 46 -8.51 12.85 7.24
C LEU B 46 -8.53 11.62 8.12
N PRO B 47 -9.57 10.78 7.96
CA PRO B 47 -9.67 9.58 8.79
C PRO B 47 -8.51 8.64 8.50
N ILE B 48 -7.79 8.28 9.56
CA ILE B 48 -6.54 7.53 9.43
C ILE B 48 -6.66 6.23 8.64
N SER B 49 -7.74 5.50 8.87
CA SER B 49 -7.90 4.19 8.22
C SER B 49 -8.05 4.35 6.72
N THR B 50 -8.72 5.42 6.32
CA THR B 50 -8.82 5.79 4.91
C THR B 50 -7.43 6.13 4.34
N VAL B 51 -6.70 7.02 5.03
CA VAL B 51 -5.35 7.36 4.60
C VAL B 51 -4.47 6.13 4.46
N ARG B 52 -4.49 5.25 5.46
CA ARG B 52 -3.65 4.06 5.45
C ARG B 52 -4.08 3.03 4.40
N GLU B 53 -5.38 2.78 4.31
CA GLU B 53 -5.89 1.83 3.33
C GLU B 53 -5.76 2.33 1.90
N VAL B 54 -6.14 3.60 1.66
CA VAL B 54 -5.97 4.17 0.32
C VAL B 54 -4.48 4.18 -0.10
N ALA B 55 -3.61 4.50 0.85
CA ALA B 55 -2.17 4.54 0.59
C ALA B 55 -1.63 3.17 0.24
N LEU B 56 -2.14 2.14 0.93
CA LEU B 56 -1.70 0.78 0.68
C LEU B 56 -2.11 0.29 -0.71
N LEU B 57 -3.25 0.76 -1.21
CA LEU B 57 -3.69 0.45 -2.58
C LEU B 57 -2.87 1.20 -3.60
N ARG B 58 -2.59 2.47 -3.34
CA ARG B 58 -1.74 3.27 -4.23
C ARG B 58 -0.38 2.62 -4.45
N ARG B 59 0.13 1.96 -3.42
CA ARG B 59 1.46 1.38 -3.48
C ARG B 59 1.54 0.10 -4.31
N LEU B 60 0.42 -0.63 -4.37
CA LEU B 60 0.33 -1.85 -5.17
C LEU B 60 0.80 -1.64 -6.61
N GLU B 61 0.31 -0.59 -7.24
CA GLU B 61 0.67 -0.24 -8.62
C GLU B 61 2.17 -0.40 -8.89
N ALA B 62 3.00 -0.18 -7.87
CA ALA B 62 4.45 -0.35 -8.02
C ALA B 62 4.83 -1.77 -8.48
N PHE B 63 4.14 -2.76 -7.93
CA PHE B 63 4.41 -4.16 -8.24
C PHE B 63 4.12 -4.51 -9.71
N GLU B 64 3.33 -3.68 -10.38
CA GLU B 64 2.98 -3.93 -11.78
C GLU B 64 2.51 -5.37 -12.02
N HIS B 65 1.62 -5.85 -11.15
CA HIS B 65 1.06 -7.19 -11.31
C HIS B 65 -0.04 -7.19 -12.37
N PRO B 66 -0.07 -8.23 -13.23
CA PRO B 66 -0.95 -8.16 -14.40
C PRO B 66 -2.41 -8.49 -14.11
N ASN B 67 -2.69 -8.99 -12.92
CA ASN B 67 -4.03 -9.50 -12.59
C ASN B 67 -4.80 -8.68 -11.57
N VAL B 68 -4.40 -7.42 -11.41
CA VAL B 68 -5.08 -6.50 -10.49
C VAL B 68 -5.14 -5.12 -11.16
N VAL B 69 -6.28 -4.44 -11.03
CA VAL B 69 -6.40 -3.08 -11.57
C VAL B 69 -5.63 -2.10 -10.70
N ARG B 70 -4.88 -1.22 -11.35
CA ARG B 70 -4.12 -0.21 -10.65
C ARG B 70 -5.01 0.94 -10.20
N LEU B 71 -4.87 1.32 -8.94
CA LEU B 71 -5.38 2.61 -8.47
C LEU B 71 -4.31 3.62 -8.81
N MET B 72 -4.65 4.58 -9.66
CA MET B 72 -3.65 5.46 -10.23
C MET B 72 -3.67 6.88 -9.70
N ASP B 73 -4.80 7.27 -9.11
CA ASP B 73 -4.93 8.62 -8.58
C ASP B 73 -6.01 8.68 -7.52
N VAL B 74 -5.84 9.63 -6.60
CA VAL B 74 -6.82 9.89 -5.56
C VAL B 74 -6.92 11.39 -5.32
N CYS B 75 -8.13 11.88 -5.13
CA CYS B 75 -8.35 13.29 -4.85
C CYS B 75 -9.46 13.45 -3.82
N ALA B 76 -9.16 14.12 -2.72
CA ALA B 76 -10.21 14.58 -1.82
C ALA B 76 -10.75 15.87 -2.44
N THR B 77 -11.95 15.80 -2.98
CA THR B 77 -12.50 16.88 -3.81
C THR B 77 -13.30 17.88 -2.98
N SER B 78 -14.42 17.42 -2.43
CA SER B 78 -15.24 18.26 -1.57
C SER B 78 -14.69 18.22 -0.14
N ARG B 79 -15.34 18.93 0.77
CA ARG B 79 -14.92 18.98 2.17
C ARG B 79 -15.93 19.73 3.03
N THR B 80 -16.54 19.02 3.98
CA THR B 80 -17.39 19.66 4.98
C THR B 80 -16.95 19.27 6.39
N ASP B 81 -17.45 20.01 7.38
CA ASP B 81 -17.06 19.78 8.77
C ASP B 81 -17.36 18.35 9.23
N ARG B 82 -18.19 17.65 8.46
CA ARG B 82 -18.49 16.25 8.76
C ARG B 82 -17.94 15.32 7.69
N GLU B 83 -17.74 15.84 6.48
CA GLU B 83 -17.38 14.97 5.36
C GLU B 83 -16.29 15.48 4.43
N ILE B 84 -15.54 14.53 3.89
CA ILE B 84 -14.65 14.77 2.76
C ILE B 84 -15.00 13.78 1.66
N LYS B 85 -15.13 14.27 0.45
CA LYS B 85 -15.44 13.42 -0.69
C LYS B 85 -14.14 13.10 -1.43
N VAL B 86 -13.87 11.81 -1.57
CA VAL B 86 -12.64 11.35 -2.21
C VAL B 86 -13.00 10.57 -3.47
N THR B 87 -12.43 10.97 -4.60
CA THR B 87 -12.60 10.16 -5.79
C THR B 87 -11.39 9.25 -6.03
N LEU B 88 -11.67 8.00 -6.34
CA LEU B 88 -10.64 7.02 -6.61
C LEU B 88 -10.55 6.79 -8.12
N VAL B 89 -9.35 6.92 -8.64
CA VAL B 89 -9.10 6.82 -10.07
C VAL B 89 -8.45 5.49 -10.38
N PHE B 90 -9.21 4.58 -10.96
CA PHE B 90 -8.70 3.26 -11.31
C PHE B 90 -8.45 3.13 -12.80
N GLU B 91 -7.55 2.22 -13.14
CA GLU B 91 -7.37 1.74 -14.51
C GLU B 91 -8.70 1.21 -15.02
N HIS B 92 -9.09 1.60 -16.23
CA HIS B 92 -10.35 1.12 -16.80
C HIS B 92 -10.20 -0.21 -17.55
N VAL B 93 -11.15 -1.11 -17.33
CA VAL B 93 -11.23 -2.37 -18.07
C VAL B 93 -12.67 -2.58 -18.53
N ASP B 94 -12.89 -2.57 -19.83
CA ASP B 94 -14.23 -2.33 -20.38
C ASP B 94 -15.27 -3.43 -20.18
N GLN B 95 -14.83 -4.65 -19.88
CA GLN B 95 -15.78 -5.72 -19.59
C GLN B 95 -15.42 -6.54 -18.37
N ASP B 96 -16.42 -7.11 -17.72
CA ASP B 96 -16.20 -7.95 -16.55
C ASP B 96 -16.29 -9.45 -16.92
N LEU B 97 -16.29 -10.30 -15.89
CA LEU B 97 -16.36 -11.73 -16.10
C LEU B 97 -17.74 -12.15 -16.60
N ARG B 98 -18.76 -11.41 -16.19
CA ARG B 98 -20.12 -11.66 -16.66
C ARG B 98 -20.18 -11.57 -18.17
N THR B 99 -20.07 -10.34 -18.68
CA THR B 99 -20.09 -10.08 -20.11
C THR B 99 -19.21 -11.06 -20.89
N TYR B 100 -18.14 -11.51 -20.24
CA TYR B 100 -17.23 -12.49 -20.85
C TYR B 100 -17.89 -13.86 -20.91
N LEU B 101 -18.71 -14.15 -19.90
CA LEU B 101 -19.39 -15.44 -19.79
C LEU B 101 -20.74 -15.43 -20.49
N ASP B 102 -21.24 -14.24 -20.80
CA ASP B 102 -22.54 -14.12 -21.46
C ASP B 102 -22.41 -14.18 -22.98
N LYS B 103 -21.37 -13.55 -23.52
CA LYS B 103 -21.11 -13.60 -24.95
C LYS B 103 -20.27 -14.82 -25.33
N ALA B 104 -20.26 -15.83 -24.46
CA ALA B 104 -19.55 -17.07 -24.73
C ALA B 104 -20.54 -18.17 -25.10
N PRO B 105 -20.73 -18.40 -26.41
CA PRO B 105 -21.70 -19.33 -27.01
C PRO B 105 -21.70 -20.71 -26.36
N PRO B 106 -22.69 -21.55 -26.70
CA PRO B 106 -22.86 -22.92 -26.22
C PRO B 106 -21.70 -23.82 -26.62
N PRO B 107 -21.21 -24.66 -25.68
CA PRO B 107 -21.78 -24.76 -24.34
C PRO B 107 -20.80 -24.33 -23.23
N GLY B 108 -19.52 -24.65 -23.40
CA GLY B 108 -18.51 -24.41 -22.38
C GLY B 108 -18.24 -22.94 -22.08
N LEU B 109 -17.12 -22.43 -22.59
CA LEU B 109 -16.17 -23.22 -23.38
C LEU B 109 -14.92 -22.39 -23.68
N PRO B 110 -13.73 -23.01 -23.61
CA PRO B 110 -13.44 -24.40 -23.22
C PRO B 110 -12.69 -24.48 -21.90
N ALA B 111 -12.19 -25.67 -21.59
CA ALA B 111 -11.55 -25.93 -20.31
C ALA B 111 -10.20 -25.24 -20.15
N GLU B 112 -9.32 -25.43 -21.13
CA GLU B 112 -7.99 -24.82 -21.09
C GLU B 112 -8.09 -23.31 -20.95
N THR B 113 -9.21 -22.75 -21.37
CA THR B 113 -9.46 -21.31 -21.27
C THR B 113 -9.98 -20.97 -19.88
N ILE B 114 -10.79 -21.87 -19.32
CA ILE B 114 -11.29 -21.74 -17.96
C ILE B 114 -10.15 -21.95 -16.96
N LYS B 115 -9.30 -22.95 -17.23
CA LYS B 115 -8.11 -23.20 -16.43
C LYS B 115 -7.21 -21.96 -16.41
N ASP B 116 -7.09 -21.30 -17.56
CA ASP B 116 -6.26 -20.10 -17.72
C ASP B 116 -6.81 -18.93 -16.89
N LEU B 117 -8.10 -18.66 -17.05
CA LEU B 117 -8.80 -17.69 -16.22
C LEU B 117 -8.55 -17.94 -14.74
N MET B 118 -8.85 -19.16 -14.29
CA MET B 118 -8.69 -19.53 -12.89
C MET B 118 -7.25 -19.33 -12.41
N ARG B 119 -6.31 -19.48 -13.33
CA ARG B 119 -4.88 -19.43 -13.03
C ARG B 119 -4.40 -17.98 -12.85
N GLN B 120 -4.97 -17.07 -13.63
CA GLN B 120 -4.71 -15.64 -13.44
C GLN B 120 -5.42 -15.13 -12.20
N PHE B 121 -6.64 -15.62 -11.99
CA PHE B 121 -7.48 -15.24 -10.86
C PHE B 121 -6.80 -15.55 -9.53
N LEU B 122 -6.22 -16.75 -9.43
CA LEU B 122 -5.51 -17.15 -8.22
C LEU B 122 -4.17 -16.43 -8.07
N ARG B 123 -3.50 -16.17 -9.19
CA ARG B 123 -2.28 -15.37 -9.17
C ARG B 123 -2.58 -13.99 -8.61
N GLY B 124 -3.55 -13.30 -9.23
CA GLY B 124 -3.99 -12.00 -8.76
C GLY B 124 -4.32 -12.01 -7.27
N LEU B 125 -5.18 -12.94 -6.87
CA LEU B 125 -5.63 -13.07 -5.48
C LEU B 125 -4.48 -13.37 -4.51
N ASP B 126 -3.56 -14.25 -4.95
CA ASP B 126 -2.37 -14.60 -4.18
C ASP B 126 -1.52 -13.34 -3.91
N PHE B 127 -1.33 -12.53 -4.94
CA PHE B 127 -0.71 -11.21 -4.83
C PHE B 127 -1.40 -10.37 -3.74
N LEU B 128 -2.69 -10.11 -3.93
CA LEU B 128 -3.48 -9.39 -2.96
C LEU B 128 -3.29 -9.92 -1.54
N HIS B 129 -3.67 -11.17 -1.33
CA HIS B 129 -3.52 -11.82 -0.04
C HIS B 129 -2.13 -11.68 0.59
N ALA B 130 -1.08 -11.89 -0.20
CA ALA B 130 0.28 -11.70 0.29
C ALA B 130 0.52 -10.28 0.85
N ASN B 131 -0.01 -9.27 0.15
CA ASN B 131 0.10 -7.89 0.59
C ASN B 131 -0.96 -7.51 1.63
N CYS B 132 -1.58 -8.52 2.22
CA CYS B 132 -2.43 -8.32 3.40
C CYS B 132 -3.75 -7.63 3.05
N ILE B 133 -4.14 -7.72 1.78
CA ILE B 133 -5.40 -7.17 1.33
CA ILE B 133 -5.39 -7.15 1.28
C ILE B 133 -6.42 -8.24 0.99
N VAL B 134 -7.56 -8.20 1.66
CA VAL B 134 -8.65 -9.14 1.42
C VAL B 134 -9.66 -8.40 0.55
N HIS B 135 -10.21 -9.09 -0.44
CA HIS B 135 -11.22 -8.47 -1.29
C HIS B 135 -12.54 -8.34 -0.54
N ARG B 136 -13.06 -9.48 -0.08
CA ARG B 136 -14.23 -9.54 0.80
C ARG B 136 -15.54 -9.50 0.03
N ASP B 137 -15.53 -8.86 -1.13
CA ASP B 137 -16.74 -8.71 -1.93
C ASP B 137 -16.49 -9.16 -3.36
N LEU B 138 -15.79 -10.27 -3.51
CA LEU B 138 -15.42 -10.78 -4.82
C LEU B 138 -16.67 -11.16 -5.64
N LYS B 139 -16.74 -10.67 -6.87
CA LYS B 139 -17.86 -10.92 -7.78
C LYS B 139 -17.34 -11.06 -9.19
N PRO B 140 -18.11 -11.73 -10.06
CA PRO B 140 -17.79 -11.78 -11.50
C PRO B 140 -17.75 -10.39 -12.11
N GLU B 141 -18.43 -9.45 -11.46
CA GLU B 141 -18.37 -8.04 -11.83
C GLU B 141 -17.02 -7.44 -11.43
N ASN B 142 -16.52 -7.82 -10.25
CA ASN B 142 -15.21 -7.38 -9.78
C ASN B 142 -14.08 -7.98 -10.62
N ILE B 143 -14.42 -9.02 -11.37
CA ILE B 143 -13.43 -9.73 -12.17
C ILE B 143 -13.46 -9.24 -13.62
N LEU B 144 -12.55 -8.32 -13.93
CA LEU B 144 -12.51 -7.68 -15.25
C LEU B 144 -11.61 -8.45 -16.22
N VAL B 145 -11.92 -8.33 -17.50
CA VAL B 145 -11.26 -9.11 -18.53
C VAL B 145 -10.88 -8.21 -19.71
N THR B 146 -9.57 -8.07 -19.91
CA THR B 146 -9.07 -7.30 -21.04
C THR B 146 -9.42 -8.01 -22.34
N SER B 147 -9.33 -7.29 -23.45
CA SER B 147 -9.28 -7.91 -24.76
C SER B 147 -7.86 -8.42 -24.93
N GLY B 148 -7.71 -9.73 -25.00
CA GLY B 148 -6.41 -10.38 -24.90
C GLY B 148 -6.41 -11.37 -23.77
N GLY B 149 -7.49 -11.37 -22.99
CA GLY B 149 -7.76 -12.43 -22.03
C GLY B 149 -7.08 -12.29 -20.68
N THR B 150 -6.51 -11.13 -20.39
CA THR B 150 -5.93 -10.88 -19.07
C THR B 150 -7.02 -10.56 -18.06
N VAL B 151 -7.18 -11.41 -17.04
CA VAL B 151 -8.09 -11.11 -15.95
C VAL B 151 -7.42 -10.12 -14.99
N LYS B 152 -8.17 -9.08 -14.62
CA LYS B 152 -7.70 -8.07 -13.68
C LYS B 152 -8.70 -7.99 -12.54
N LEU B 153 -8.25 -8.20 -11.32
CA LEU B 153 -9.11 -8.06 -10.14
C LEU B 153 -9.32 -6.59 -9.79
N ALA B 154 -10.56 -6.23 -9.49
CA ALA B 154 -10.92 -4.86 -9.15
C ALA B 154 -11.75 -4.80 -7.88
N ASP B 155 -11.76 -3.61 -7.26
CA ASP B 155 -12.62 -3.32 -6.10
C ASP B 155 -12.21 -4.03 -4.82
N PHE B 156 -10.96 -4.46 -4.78
CA PHE B 156 -10.36 -5.10 -3.61
C PHE B 156 -9.85 -4.03 -2.67
N GLY B 157 -10.07 -4.21 -1.37
CA GLY B 157 -9.52 -3.31 -0.37
C GLY B 157 -10.34 -2.05 -0.17
N LEU B 158 -11.58 -2.07 -0.63
CA LEU B 158 -12.45 -0.92 -0.51
C LEU B 158 -13.50 -1.12 0.59
N ALA B 159 -13.49 -2.30 1.21
CA ALA B 159 -14.47 -2.62 2.23
C ALA B 159 -14.40 -1.64 3.38
N ARG B 160 -13.19 -1.46 3.93
CA ARG B 160 -12.98 -0.57 5.06
C ARG B 160 -13.07 0.90 4.68
N ILE B 161 -12.62 1.24 3.47
CA ILE B 161 -12.73 2.59 2.95
C ILE B 161 -14.19 2.99 2.83
N TYR B 162 -15.03 2.04 2.43
CA TYR B 162 -16.46 2.30 2.22
C TYR B 162 -17.35 2.06 3.44
N SER B 163 -16.77 1.52 4.51
CA SER B 163 -17.50 1.24 5.74
C SER B 163 -18.50 2.34 6.17
N TYR B 164 -18.00 3.57 6.28
CA TYR B 164 -18.79 4.70 6.77
C TYR B 164 -19.98 5.02 5.87
N GLN B 165 -19.69 5.20 4.59
CA GLN B 165 -20.71 5.52 3.61
C GLN B 165 -21.79 4.42 3.58
N MET B 166 -21.34 3.17 3.51
CA MET B 166 -22.25 2.03 3.45
C MET B 166 -23.13 1.87 4.70
N ALA B 167 -22.72 2.49 5.81
CA ALA B 167 -23.52 2.43 7.02
C ALA B 167 -24.46 3.64 7.09
N LEU B 168 -24.78 4.19 5.92
CA LEU B 168 -25.72 5.30 5.80
C LEU B 168 -26.40 5.27 4.43
N ASP B 169 -27.11 4.19 4.11
CA ASP B 169 -27.30 3.07 5.02
C ASP B 169 -27.38 1.71 4.31
N PRO B 170 -27.32 1.68 2.96
CA PRO B 170 -27.33 0.31 2.43
C PRO B 170 -25.93 -0.28 2.38
N VAL B 171 -25.81 -1.60 2.22
CA VAL B 171 -26.94 -2.54 2.19
C VAL B 171 -27.70 -2.70 0.87
N VAL B 172 -27.15 -3.50 -0.03
CA VAL B 172 -27.88 -3.99 -1.20
C VAL B 172 -27.46 -5.44 -1.44
N VAL B 173 -26.48 -5.88 -0.64
CA VAL B 173 -26.13 -7.29 -0.47
C VAL B 173 -26.50 -8.30 -1.55
N THR B 174 -25.85 -8.22 -2.70
CA THR B 174 -25.84 -9.33 -3.66
C THR B 174 -24.96 -10.43 -3.05
N LEU B 175 -25.60 -11.50 -2.58
CA LEU B 175 -25.01 -12.36 -1.56
C LEU B 175 -24.60 -13.74 -2.06
N TRP B 176 -24.73 -13.97 -3.37
CA TRP B 176 -24.59 -15.32 -3.89
C TRP B 176 -23.15 -15.83 -3.80
N TYR B 177 -22.21 -14.95 -3.49
CA TYR B 177 -20.79 -15.31 -3.48
C TYR B 177 -20.11 -15.15 -2.11
N ARG B 178 -20.73 -14.37 -1.23
CA ARG B 178 -20.20 -14.19 0.12
C ARG B 178 -19.79 -15.50 0.78
N ALA B 179 -18.61 -15.51 1.40
CA ALA B 179 -18.19 -16.64 2.21
C ALA B 179 -19.18 -16.83 3.35
N PRO B 180 -19.29 -18.06 3.87
CA PRO B 180 -20.22 -18.32 4.97
C PRO B 180 -19.87 -17.53 6.23
N GLU B 181 -18.58 -17.29 6.42
CA GLU B 181 -18.07 -16.54 7.57
C GLU B 181 -18.59 -15.12 7.60
N VAL B 182 -18.57 -14.47 6.44
CA VAL B 182 -18.97 -13.07 6.32
C VAL B 182 -20.27 -12.84 7.08
N LEU B 183 -21.17 -13.80 6.99
CA LEU B 183 -22.35 -13.81 7.85
C LEU B 183 -21.89 -14.05 9.29
N LEU B 184 -21.15 -13.06 9.81
CA LEU B 184 -20.56 -13.09 11.14
C LEU B 184 -21.45 -13.80 12.16
N GLN B 185 -20.83 -14.40 13.19
CA GLN B 185 -19.39 -14.38 13.38
C GLN B 185 -18.64 -15.10 12.25
N SER B 186 -17.33 -14.90 12.16
CA SER B 186 -16.59 -13.95 12.99
C SER B 186 -15.79 -13.02 12.09
N THR B 187 -14.84 -13.62 11.36
CA THR B 187 -14.05 -12.91 10.36
C THR B 187 -14.48 -13.41 8.98
N TYR B 188 -14.19 -12.67 7.89
CA TYR B 188 -13.41 -11.42 7.88
C TYR B 188 -11.88 -11.61 7.86
N ALA B 189 -11.43 -12.68 7.22
CA ALA B 189 -10.02 -12.95 7.01
C ALA B 189 -9.75 -13.18 5.52
N THR B 190 -8.57 -13.70 5.19
CA THR B 190 -8.19 -13.90 3.80
C THR B 190 -8.95 -15.02 3.09
N PRO B 191 -9.18 -16.15 3.78
CA PRO B 191 -9.83 -17.30 3.13
C PRO B 191 -11.16 -16.93 2.46
N VAL B 192 -11.83 -15.90 2.97
CA VAL B 192 -13.15 -15.52 2.48
C VAL B 192 -13.18 -15.39 0.96
N ASP B 193 -12.05 -15.03 0.36
CA ASP B 193 -11.98 -14.80 -1.08
C ASP B 193 -11.92 -16.11 -1.86
N MET B 194 -11.40 -17.16 -1.23
CA MET B 194 -11.27 -18.46 -1.88
C MET B 194 -12.62 -19.17 -2.02
N TRP B 195 -13.50 -18.98 -1.05
CA TRP B 195 -14.88 -19.43 -1.17
C TRP B 195 -15.53 -18.80 -2.40
N SER B 196 -15.35 -17.48 -2.54
CA SER B 196 -15.86 -16.75 -3.68
C SER B 196 -15.21 -17.23 -4.97
N VAL B 197 -13.94 -17.63 -4.89
CA VAL B 197 -13.22 -18.22 -6.01
C VAL B 197 -13.94 -19.47 -6.53
N GLY B 198 -14.16 -20.43 -5.63
CA GLY B 198 -14.84 -21.66 -5.94
C GLY B 198 -16.24 -21.46 -6.49
N CYS B 199 -16.96 -20.49 -5.92
CA CYS B 199 -18.29 -20.15 -6.42
C CYS B 199 -18.24 -19.53 -7.81
N ILE B 200 -17.15 -18.84 -8.10
CA ILE B 200 -16.88 -18.36 -9.45
C ILE B 200 -16.41 -19.54 -10.27
N PHE B 201 -15.57 -20.37 -9.65
CA PHE B 201 -15.05 -21.57 -10.29
C PHE B 201 -16.16 -22.40 -10.92
N ALA B 202 -17.07 -22.88 -10.08
CA ALA B 202 -18.20 -23.68 -10.55
C ALA B 202 -18.99 -22.96 -11.64
N GLU B 203 -19.44 -21.75 -11.35
CA GLU B 203 -20.32 -21.01 -12.23
C GLU B 203 -19.76 -20.76 -13.63
N MET B 204 -18.48 -21.05 -13.82
CA MET B 204 -17.89 -20.94 -15.16
C MET B 204 -18.23 -22.14 -16.03
N PHE B 205 -18.37 -23.30 -15.39
CA PHE B 205 -18.85 -24.50 -16.07
C PHE B 205 -20.38 -24.55 -16.06
N ARG B 206 -20.98 -24.14 -14.93
CA ARG B 206 -22.42 -23.94 -14.86
C ARG B 206 -22.82 -22.81 -15.80
N ARG B 207 -23.74 -21.98 -15.35
CA ARG B 207 -24.10 -20.74 -16.03
C ARG B 207 -25.08 -19.93 -15.18
N LYS B 208 -25.18 -20.31 -13.90
CA LYS B 208 -25.90 -19.51 -12.93
C LYS B 208 -25.36 -19.72 -11.51
N PRO B 209 -25.19 -18.61 -10.77
CA PRO B 209 -24.73 -18.55 -9.38
C PRO B 209 -25.32 -19.66 -8.51
N LEU B 210 -24.55 -20.70 -8.27
CA LEU B 210 -24.92 -21.69 -7.25
C LEU B 210 -25.01 -20.96 -5.91
N PHE B 211 -26.04 -21.27 -5.14
CA PHE B 211 -26.33 -20.51 -3.93
C PHE B 211 -26.74 -19.09 -4.33
N CYS B 212 -28.04 -18.85 -4.40
CA CYS B 212 -28.55 -17.57 -4.91
C CYS B 212 -29.27 -16.69 -3.89
N GLY B 213 -30.22 -15.90 -4.39
CA GLY B 213 -30.85 -14.82 -3.67
C GLY B 213 -31.33 -15.10 -2.25
N ASN B 214 -32.40 -14.41 -1.86
CA ASN B 214 -32.95 -14.53 -0.51
C ASN B 214 -31.96 -14.05 0.54
N SER B 215 -32.39 -14.07 1.81
CA SER B 215 -31.60 -13.49 2.90
C SER B 215 -30.43 -14.37 3.34
N GLU B 216 -29.75 -13.94 4.40
CA GLU B 216 -28.59 -14.65 4.92
C GLU B 216 -28.89 -16.12 5.23
N ALA B 217 -30.00 -16.35 5.90
CA ALA B 217 -30.40 -17.71 6.27
C ALA B 217 -30.73 -18.55 5.04
N ASP B 218 -31.45 -17.95 4.09
CA ASP B 218 -31.74 -18.61 2.83
C ASP B 218 -30.45 -18.82 2.03
N GLN B 219 -29.60 -17.80 2.04
CA GLN B 219 -28.31 -17.89 1.38
C GLN B 219 -27.43 -18.93 2.07
N LEU B 220 -27.36 -18.87 3.39
CA LEU B 220 -26.54 -19.79 4.17
C LEU B 220 -27.10 -21.20 4.12
N GLY B 221 -28.40 -21.32 3.89
CA GLY B 221 -29.05 -22.61 3.77
C GLY B 221 -28.74 -23.29 2.45
N LYS B 222 -28.80 -22.52 1.37
CA LYS B 222 -28.55 -23.06 0.04
C LYS B 222 -27.11 -23.54 -0.12
N ILE B 223 -26.25 -23.17 0.83
CA ILE B 223 -24.87 -23.60 0.82
C ILE B 223 -24.73 -25.03 1.35
N PHE B 224 -25.43 -25.32 2.44
CA PHE B 224 -25.40 -26.64 3.04
C PHE B 224 -26.01 -27.69 2.12
N ASP B 225 -27.00 -27.29 1.34
CA ASP B 225 -27.62 -28.18 0.36
C ASP B 225 -26.58 -28.93 -0.48
N LEU B 226 -25.57 -28.20 -0.95
CA LEU B 226 -24.57 -28.78 -1.84
C LEU B 226 -23.34 -29.28 -1.08
N ILE B 227 -22.97 -28.56 -0.02
CA ILE B 227 -21.81 -28.94 0.79
C ILE B 227 -22.19 -29.92 1.90
N GLY B 228 -23.46 -29.92 2.28
CA GLY B 228 -23.94 -30.71 3.40
C GLY B 228 -23.63 -30.02 4.72
N LEU B 229 -24.60 -30.05 5.64
CA LEU B 229 -24.44 -29.38 6.93
C LEU B 229 -23.13 -29.78 7.61
N PRO B 230 -22.53 -28.84 8.37
CA PRO B 230 -21.26 -29.12 9.04
C PRO B 230 -21.47 -29.59 10.48
N PRO B 231 -21.41 -30.91 10.69
CA PRO B 231 -21.48 -31.42 12.07
C PRO B 231 -20.45 -30.73 12.96
N GLU B 232 -20.72 -30.70 14.25
CA GLU B 232 -19.87 -29.99 15.21
C GLU B 232 -18.67 -30.83 15.64
N ASP B 233 -17.60 -30.16 16.06
CA ASP B 233 -17.59 -28.71 16.17
C ASP B 233 -17.02 -28.02 14.93
N ASP B 234 -17.87 -27.84 13.92
CA ASP B 234 -17.49 -27.05 12.74
C ASP B 234 -18.24 -25.72 12.75
N TRP B 235 -18.29 -25.09 13.92
CA TRP B 235 -19.07 -23.87 14.09
C TRP B 235 -18.34 -22.88 14.98
N VAL B 258 -23.40 -32.86 -9.79
CA VAL B 258 -23.52 -33.02 -11.23
C VAL B 258 -22.46 -32.21 -11.97
N PRO B 259 -21.18 -32.50 -11.72
CA PRO B 259 -20.05 -31.79 -12.34
C PRO B 259 -20.15 -31.73 -13.87
N GLU B 260 -19.54 -30.71 -14.45
CA GLU B 260 -19.41 -30.60 -15.90
C GLU B 260 -17.94 -30.44 -16.30
N MET B 261 -17.06 -30.43 -15.30
CA MET B 261 -15.62 -30.31 -15.52
C MET B 261 -14.94 -31.64 -15.21
N GLU B 262 -13.64 -31.70 -15.44
CA GLU B 262 -12.87 -32.89 -15.10
C GLU B 262 -13.13 -33.30 -13.66
N GLU B 263 -12.91 -34.58 -13.37
CA GLU B 263 -13.04 -35.09 -12.01
C GLU B 263 -12.05 -34.34 -11.13
N SER B 264 -10.85 -34.11 -11.66
CA SER B 264 -9.81 -33.39 -10.95
C SER B 264 -10.26 -31.96 -10.61
N GLY B 265 -10.99 -31.36 -11.53
CA GLY B 265 -11.55 -30.04 -11.33
C GLY B 265 -12.36 -29.94 -10.05
N ALA B 266 -13.35 -30.82 -9.91
CA ALA B 266 -14.25 -30.80 -8.77
C ALA B 266 -13.54 -31.09 -7.46
N GLN B 267 -12.35 -31.66 -7.55
CA GLN B 267 -11.52 -31.90 -6.37
C GLN B 267 -11.16 -30.57 -5.73
N LEU B 268 -10.53 -29.70 -6.52
CA LEU B 268 -10.15 -28.36 -6.09
C LEU B 268 -11.36 -27.56 -5.61
N LEU B 269 -12.45 -27.65 -6.34
CA LEU B 269 -13.65 -26.88 -6.03
C LEU B 269 -14.14 -27.09 -4.59
N LEU B 270 -14.23 -28.35 -4.16
CA LEU B 270 -14.64 -28.63 -2.79
C LEU B 270 -13.65 -28.02 -1.80
N GLU B 271 -12.37 -28.26 -2.03
CA GLU B 271 -11.31 -27.70 -1.19
C GLU B 271 -11.51 -26.19 -0.99
N MET B 272 -11.94 -25.51 -2.06
CA MET B 272 -12.29 -24.11 -1.98
C MET B 272 -13.59 -23.96 -1.19
N LEU B 273 -14.55 -24.82 -1.47
CA LEU B 273 -15.84 -24.76 -0.81
C LEU B 273 -15.85 -25.55 0.50
N THR B 274 -14.71 -25.53 1.19
CA THR B 274 -14.59 -26.11 2.52
C THR B 274 -15.09 -25.12 3.57
N PHE B 275 -16.39 -25.20 3.88
CA PHE B 275 -17.06 -24.34 4.86
C PHE B 275 -16.18 -23.83 6.02
N ASN B 276 -15.15 -24.58 6.36
CA ASN B 276 -14.20 -24.16 7.40
C ASN B 276 -12.98 -23.47 6.81
N PRO B 277 -12.70 -22.23 7.25
CA PRO B 277 -11.63 -21.36 6.76
C PRO B 277 -10.23 -21.92 7.00
N HIS B 278 -10.02 -22.47 8.19
CA HIS B 278 -8.68 -22.83 8.63
C HIS B 278 -8.10 -24.01 7.86
N LYS B 279 -8.98 -24.81 7.27
CA LYS B 279 -8.54 -25.90 6.39
C LYS B 279 -9.22 -25.81 5.04
N ARG B 280 -9.54 -24.58 4.63
CA ARG B 280 -9.99 -24.32 3.26
C ARG B 280 -8.78 -23.95 2.41
N ILE B 281 -8.78 -24.38 1.15
CA ILE B 281 -7.61 -24.21 0.29
C ILE B 281 -7.29 -22.73 0.06
N SER B 282 -6.01 -22.44 -0.05
CA SER B 282 -5.55 -21.07 -0.33
C SER B 282 -5.32 -20.84 -1.82
N ALA B 283 -4.96 -19.61 -2.17
CA ALA B 283 -4.77 -19.25 -3.57
C ALA B 283 -3.46 -19.77 -4.11
N PHE B 284 -2.52 -20.05 -3.21
CA PHE B 284 -1.24 -20.63 -3.62
C PHE B 284 -1.29 -22.16 -3.65
N ARG B 285 -1.94 -22.75 -2.65
CA ARG B 285 -2.12 -24.21 -2.60
C ARG B 285 -3.00 -24.64 -3.77
N ALA B 286 -4.00 -23.80 -4.07
CA ALA B 286 -4.89 -24.02 -5.20
C ALA B 286 -4.12 -23.98 -6.53
N LEU B 287 -3.32 -22.93 -6.71
CA LEU B 287 -2.49 -22.79 -7.90
C LEU B 287 -1.64 -24.04 -8.14
N GLN B 288 -1.25 -24.68 -7.04
CA GLN B 288 -0.47 -25.90 -7.12
C GLN B 288 -1.36 -27.13 -7.02
N HIS B 289 -2.41 -27.15 -7.83
CA HIS B 289 -3.32 -28.29 -7.89
C HIS B 289 -3.17 -29.03 -9.21
N SER B 290 -3.47 -30.33 -9.20
CA SER B 290 -3.36 -31.16 -10.40
C SER B 290 -4.06 -30.51 -11.60
N TYR B 291 -5.31 -30.10 -11.39
CA TYR B 291 -6.09 -29.44 -12.42
C TYR B 291 -5.47 -28.10 -12.81
N LEU B 292 -4.78 -27.47 -11.85
CA LEU B 292 -4.22 -26.14 -12.05
C LEU B 292 -5.32 -25.08 -12.09
C1 GOL C . 3.90 12.18 -6.29
O1 GOL C . 5.12 12.56 -5.65
C2 GOL C . 3.50 10.79 -5.79
O2 GOL C . 4.65 9.94 -5.78
C3 GOL C . 2.43 10.19 -6.70
O3 GOL C . 2.20 8.83 -6.35
#